data_9J7V
#
_entry.id   9J7V
#
_cell.length_a   1.00
_cell.length_b   1.00
_cell.length_c   1.00
_cell.angle_alpha   90.00
_cell.angle_beta   90.00
_cell.angle_gamma   90.00
#
_symmetry.space_group_name_H-M   'P 1'
#
loop_
_entity.id
_entity.type
_entity.pdbx_description
1 polymer 'Glucose-6-phosphatase catalytic subunit 1'
2 non-polymer '(2S)-3-(hexadecanoyloxy)-2-[(9Z)-octadec-9-enoyloxy]propyl 2-(trimethylammonio)ethyl phosphate'
#
_entity_poly.entity_id   1
_entity_poly.type   'polypeptide(L)'
_entity_poly.pdbx_seq_one_letter_code
;MEEGMNVLHDFGIQSTHYLQVNYQDSQDWFILVSVIADLRNAFYVLFPIWFHLQEAVGIKLLWVAVIGDWLNLVFKWILF
GQRPYWWVLDTDYYSNTSVPLIKQFPVTCETGPGSPSGHAMGTAGVYYVMVTSTLSIFQGKIKPTYRFRCLNVILWLGFW
AVQLNVCLSRIYLAAHFPHQVVAGVLSGIAVAETFSHIHSIYNASLKKYFLITFFLFSFAIGFYLLLKGLGVDLLWTLEK
AQRWCEQPEWVHIDTTPFASLLKNLGTLFGLGLALNSSMYRESCKGKLSKWLPFRLSSIVASLVLLHVFDSLKPPSQVEL
VFYVLSFCKSAVVPLASVSVIPYCLAQVLGQP
;
_entity_poly.pdbx_strand_id   A
#
loop_
_chem_comp.id
_chem_comp.type
_chem_comp.name
_chem_comp.formula
POV non-polymer '(2S)-3-(hexadecanoyloxy)-2-[(9Z)-octadec-9-enoyloxy]propyl 2-(trimethylammonio)ethyl phosphate' 'C42 H82 N O8 P'
#
# COMPACT_ATOMS: atom_id res chain seq x y z
N MET A 1 6.62 23.84 -20.66
CA MET A 1 6.46 22.69 -19.77
C MET A 1 6.75 21.40 -20.52
N GLU A 2 6.48 21.40 -21.83
CA GLU A 2 6.67 20.19 -22.62
C GLU A 2 8.14 19.78 -22.65
N GLU A 3 9.06 20.75 -22.76
CA GLU A 3 10.48 20.42 -22.79
C GLU A 3 10.91 19.75 -21.50
N GLY A 4 10.46 20.26 -20.35
CA GLY A 4 10.82 19.65 -19.09
C GLY A 4 10.30 18.24 -18.96
N MET A 5 9.05 18.01 -19.34
CA MET A 5 8.49 16.67 -19.28
C MET A 5 9.23 15.71 -20.20
N ASN A 6 9.57 16.17 -21.42
CA ASN A 6 10.31 15.33 -22.34
C ASN A 6 11.70 14.99 -21.80
N VAL A 7 12.37 15.96 -21.20
CA VAL A 7 13.70 15.70 -20.63
C VAL A 7 13.60 14.72 -19.47
N LEU A 8 12.58 14.88 -18.62
CA LEU A 8 12.40 13.97 -17.49
C LEU A 8 12.13 12.54 -17.98
N HIS A 9 11.27 12.41 -18.98
CA HIS A 9 10.98 11.08 -19.54
C HIS A 9 12.22 10.47 -20.18
N ASP A 10 13.03 11.29 -20.87
CA ASP A 10 14.25 10.79 -21.46
C ASP A 10 15.22 10.29 -20.41
N PHE A 11 15.35 11.03 -19.29
CA PHE A 11 16.22 10.58 -18.21
C PHE A 11 15.72 9.26 -17.63
N GLY A 12 14.41 9.13 -17.46
CA GLY A 12 13.86 7.87 -16.98
C GLY A 12 14.15 6.71 -17.91
N ILE A 13 13.97 6.91 -19.21
CA ILE A 13 14.23 5.85 -20.19
C ILE A 13 15.71 5.47 -20.18
N GLN A 14 16.59 6.46 -20.12
CA GLN A 14 18.02 6.18 -20.08
C GLN A 14 18.40 5.38 -18.82
N SER A 15 17.83 5.75 -17.68
CA SER A 15 18.10 5.00 -16.45
C SER A 15 17.62 3.57 -16.58
N THR A 16 16.42 3.37 -17.13
CA THR A 16 15.90 2.02 -17.30
C THR A 16 16.80 1.19 -18.20
N HIS A 17 17.24 1.77 -19.32
CA HIS A 17 18.11 1.04 -20.23
C HIS A 17 19.44 0.68 -19.57
N TYR A 18 20.04 1.63 -18.83
CA TYR A 18 21.30 1.35 -18.17
C TYR A 18 21.15 0.22 -17.15
N LEU A 19 20.10 0.29 -16.33
CA LEU A 19 19.88 -0.74 -15.32
C LEU A 19 19.65 -2.11 -15.97
N GLN A 20 18.88 -2.15 -17.05
CA GLN A 20 18.58 -3.44 -17.69
C GLN A 20 19.80 -4.03 -18.37
N VAL A 21 20.64 -3.20 -18.99
CA VAL A 21 21.82 -3.72 -19.67
C VAL A 21 22.87 -4.19 -18.66
N ASN A 22 23.15 -3.38 -17.64
CA ASN A 22 24.30 -3.66 -16.78
C ASN A 22 23.99 -4.58 -15.61
N TYR A 23 22.72 -4.90 -15.36
CA TYR A 23 22.34 -5.70 -14.19
C TYR A 23 21.35 -6.78 -14.58
N GLN A 24 21.67 -7.52 -15.65
CA GLN A 24 20.76 -8.55 -16.16
C GLN A 24 20.61 -9.74 -15.22
N ASP A 25 21.45 -9.86 -14.20
CA ASP A 25 21.39 -10.97 -13.27
C ASP A 25 20.54 -10.70 -12.04
N SER A 26 19.91 -9.53 -11.96
CA SER A 26 19.09 -9.15 -10.81
C SER A 26 17.59 -9.21 -11.14
N GLN A 27 17.23 -9.89 -12.23
CA GLN A 27 15.83 -9.91 -12.66
C GLN A 27 14.94 -10.56 -11.61
N ASP A 28 15.34 -11.73 -11.12
CA ASP A 28 14.53 -12.43 -10.11
C ASP A 28 14.46 -11.63 -8.82
N TRP A 29 15.57 -11.02 -8.41
CA TRP A 29 15.56 -10.23 -7.19
C TRP A 29 14.62 -9.03 -7.31
N PHE A 30 14.65 -8.34 -8.45
CA PHE A 30 13.79 -7.17 -8.61
C PHE A 30 12.33 -7.58 -8.70
N ILE A 31 12.02 -8.70 -9.37
CA ILE A 31 10.65 -9.19 -9.41
C ILE A 31 10.18 -9.53 -8.00
N LEU A 32 11.03 -10.19 -7.22
CA LEU A 32 10.66 -10.56 -5.86
C LEU A 32 10.42 -9.31 -5.01
N VAL A 33 11.26 -8.29 -5.17
CA VAL A 33 11.07 -7.05 -4.42
C VAL A 33 9.74 -6.40 -4.79
N SER A 34 9.43 -6.35 -6.08
CA SER A 34 8.16 -5.76 -6.52
C SER A 34 6.97 -6.54 -5.98
N VAL A 35 7.09 -7.87 -5.87
CA VAL A 35 6.02 -8.66 -5.31
C VAL A 35 5.86 -8.40 -3.81
N ILE A 36 6.99 -8.32 -3.09
CA ILE A 36 6.94 -8.12 -1.64
C ILE A 36 6.36 -6.75 -1.30
N ALA A 37 6.67 -5.74 -2.12
CA ALA A 37 6.26 -4.37 -1.80
C ALA A 37 4.74 -4.13 -1.85
N ASP A 38 3.89 -5.14 -2.04
CA ASP A 38 2.46 -4.92 -2.16
C ASP A 38 1.85 -4.49 -0.81
N LEU A 39 0.70 -3.82 -0.89
CA LEU A 39 0.01 -3.36 0.30
C LEU A 39 -0.77 -4.48 0.99
N ARG A 40 -1.05 -5.57 0.27
CA ARG A 40 -1.72 -6.71 0.89
C ARG A 40 -0.90 -7.23 2.06
N ASN A 41 0.42 -7.23 1.92
CA ASN A 41 1.29 -7.59 3.04
C ASN A 41 1.12 -6.62 4.20
N ALA A 42 1.10 -5.32 3.91
CA ALA A 42 0.94 -4.32 4.96
C ALA A 42 -0.38 -4.48 5.70
N PHE A 43 -1.39 -5.06 5.06
CA PHE A 43 -2.67 -5.31 5.73
C PHE A 43 -2.78 -6.68 6.37
N TYR A 44 -1.99 -7.66 5.94
CA TYR A 44 -2.17 -9.03 6.41
C TYR A 44 -1.09 -9.51 7.38
N VAL A 45 0.18 -9.16 7.16
CA VAL A 45 1.27 -9.64 7.98
C VAL A 45 1.86 -8.54 8.86
N LEU A 46 1.96 -7.32 8.36
CA LEU A 46 2.56 -6.25 9.15
C LEU A 46 1.63 -5.76 10.25
N PHE A 47 0.35 -5.61 9.95
CA PHE A 47 -0.59 -5.07 10.92
C PHE A 47 -0.76 -5.94 12.16
N PRO A 48 -1.01 -7.25 12.06
CA PRO A 48 -1.21 -8.03 13.29
C PRO A 48 -0.05 -8.00 14.26
N ILE A 49 1.19 -8.09 13.76
CA ILE A 49 2.36 -8.12 14.65
C ILE A 49 2.46 -6.82 15.44
N TRP A 50 2.42 -5.69 14.74
CA TRP A 50 2.58 -4.41 15.42
C TRP A 50 1.37 -4.09 16.29
N PHE A 51 0.18 -4.50 15.88
CA PHE A 51 -0.99 -4.27 16.72
C PHE A 51 -0.90 -5.05 18.02
N HIS A 52 -0.46 -6.30 17.96
CA HIS A 52 -0.38 -7.09 19.18
C HIS A 52 0.87 -6.80 19.99
N LEU A 53 1.86 -6.09 19.43
CA LEU A 53 2.99 -5.64 20.22
C LEU A 53 2.77 -4.25 20.80
N GLN A 54 2.09 -3.37 20.08
CA GLN A 54 1.80 -2.02 20.56
C GLN A 54 0.59 -1.51 19.79
N GLU A 55 -0.56 -1.41 20.47
CA GLU A 55 -1.82 -1.15 19.77
C GLU A 55 -1.80 0.19 19.04
N ALA A 56 -1.24 1.22 19.67
CA ALA A 56 -1.22 2.54 19.05
C ALA A 56 -0.48 2.52 17.73
N VAL A 57 0.66 1.81 17.68
CA VAL A 57 1.43 1.73 16.45
C VAL A 57 0.63 1.04 15.36
N GLY A 58 -0.07 -0.04 15.69
CA GLY A 58 -0.87 -0.73 14.69
C GLY A 58 -2.01 0.11 14.16
N ILE A 59 -2.71 0.82 15.04
CA ILE A 59 -3.79 1.70 14.59
C ILE A 59 -3.26 2.80 13.70
N LYS A 60 -2.13 3.41 14.10
CA LYS A 60 -1.52 4.46 13.29
C LYS A 60 -1.11 3.92 11.92
N LEU A 61 -0.53 2.72 11.88
CA LEU A 61 -0.11 2.11 10.63
C LEU A 61 -1.30 1.90 9.70
N LEU A 62 -2.39 1.35 10.23
CA LEU A 62 -3.56 1.09 9.39
C LEU A 62 -4.15 2.39 8.86
N TRP A 63 -4.26 3.41 9.73
CA TRP A 63 -4.82 4.68 9.28
C TRP A 63 -3.95 5.31 8.20
N VAL A 64 -2.61 5.27 8.38
CA VAL A 64 -1.71 5.86 7.40
C VAL A 64 -1.84 5.14 6.07
N ALA A 65 -1.87 3.80 6.10
CA ALA A 65 -1.98 3.05 4.85
C ALA A 65 -3.28 3.37 4.12
N VAL A 66 -4.40 3.40 4.86
CA VAL A 66 -5.69 3.62 4.22
C VAL A 66 -5.75 5.00 3.60
N ILE A 67 -5.33 6.02 4.36
CA ILE A 67 -5.41 7.39 3.85
C ILE A 67 -4.46 7.59 2.68
N GLY A 68 -3.26 7.01 2.76
CA GLY A 68 -2.32 7.11 1.66
C GLY A 68 -2.87 6.48 0.39
N ASP A 69 -3.50 5.31 0.50
CA ASP A 69 -4.07 4.68 -0.68
C ASP A 69 -5.23 5.48 -1.24
N TRP A 70 -6.05 6.08 -0.37
CA TRP A 70 -7.16 6.91 -0.85
C TRP A 70 -6.66 8.12 -1.62
N LEU A 71 -5.66 8.82 -1.06
CA LEU A 71 -5.08 9.96 -1.76
C LEU A 71 -4.43 9.53 -3.06
N ASN A 72 -3.78 8.37 -3.05
CA ASN A 72 -3.19 7.83 -4.27
C ASN A 72 -4.24 7.63 -5.35
N LEU A 73 -5.39 7.06 -4.97
CA LEU A 73 -6.45 6.82 -5.94
C LEU A 73 -6.98 8.13 -6.53
N VAL A 74 -7.26 9.10 -5.66
CA VAL A 74 -7.86 10.36 -6.14
C VAL A 74 -6.86 11.10 -7.04
N PHE A 75 -5.60 11.18 -6.62
CA PHE A 75 -4.63 11.90 -7.44
C PHE A 75 -4.22 11.11 -8.68
N LYS A 76 -4.41 9.78 -8.68
CA LYS A 76 -4.27 9.01 -9.91
C LYS A 76 -5.36 9.37 -10.90
N TRP A 77 -6.58 9.56 -10.40
CA TRP A 77 -7.65 10.04 -11.28
C TRP A 77 -7.33 11.41 -11.85
N ILE A 78 -6.78 12.31 -11.02
CA ILE A 78 -6.64 13.70 -11.44
C ILE A 78 -5.42 13.89 -12.34
N LEU A 79 -4.26 13.37 -11.92
CA LEU A 79 -2.97 13.88 -12.40
C LEU A 79 -2.62 13.47 -13.83
N PHE A 80 -3.28 12.44 -14.38
CA PHE A 80 -3.01 11.97 -15.74
C PHE A 80 -1.54 11.54 -15.88
N GLY A 81 -1.20 10.49 -15.15
CA GLY A 81 0.16 9.98 -15.15
C GLY A 81 0.53 9.26 -16.42
N GLN A 82 1.80 8.87 -16.50
CA GLN A 82 2.33 8.19 -17.68
C GLN A 82 3.25 7.05 -17.24
N ARG A 83 3.47 6.11 -18.17
CA ARG A 83 4.31 4.94 -17.95
C ARG A 83 5.37 4.87 -19.04
N PRO A 84 6.51 4.24 -18.76
CA PRO A 84 7.60 4.22 -19.75
C PRO A 84 7.38 3.24 -20.89
N TYR A 85 6.77 2.10 -20.60
CA TYR A 85 6.77 1.00 -21.57
C TYR A 85 5.89 1.25 -22.78
N TRP A 86 5.00 2.24 -22.75
CA TRP A 86 4.40 2.71 -23.99
C TRP A 86 4.91 4.07 -24.43
N TRP A 87 5.44 4.89 -23.51
CA TRP A 87 5.99 6.17 -23.93
C TRP A 87 7.22 6.00 -24.82
N VAL A 88 7.97 4.91 -24.62
CA VAL A 88 9.17 4.70 -25.42
C VAL A 88 8.81 4.44 -26.88
N LEU A 89 7.73 3.71 -27.11
CA LEU A 89 7.29 3.39 -28.47
C LEU A 89 6.21 4.33 -28.99
N ASP A 90 5.78 5.29 -28.19
CA ASP A 90 4.69 6.20 -28.55
C ASP A 90 5.17 7.58 -28.96
N THR A 91 6.12 8.16 -28.24
CA THR A 91 6.52 9.53 -28.47
C THR A 91 7.31 9.69 -29.77
N ASP A 92 7.39 10.92 -30.23
CA ASP A 92 8.19 11.29 -31.39
C ASP A 92 9.51 11.96 -31.01
N TYR A 93 9.90 11.85 -29.73
CA TYR A 93 11.12 12.50 -29.27
C TYR A 93 12.35 11.90 -29.94
N TYR A 94 12.37 10.58 -30.16
CA TYR A 94 13.51 9.89 -30.73
C TYR A 94 13.42 9.75 -32.24
N SER A 95 12.74 10.68 -32.91
CA SER A 95 12.65 10.62 -34.37
C SER A 95 14.00 10.84 -35.02
N ASN A 96 14.78 11.80 -34.52
CA ASN A 96 16.06 12.14 -35.13
C ASN A 96 17.20 11.23 -34.70
N THR A 97 17.01 10.42 -33.66
CA THR A 97 18.05 9.54 -33.15
C THR A 97 17.56 8.10 -33.17
N SER A 98 18.35 7.20 -32.59
CA SER A 98 17.99 5.80 -32.49
C SER A 98 17.18 5.56 -31.23
N VAL A 99 16.08 4.84 -31.38
CA VAL A 99 15.21 4.56 -30.23
C VAL A 99 15.91 3.61 -29.27
N PRO A 100 15.93 3.89 -27.97
CA PRO A 100 16.52 2.95 -27.02
C PRO A 100 15.74 1.64 -26.99
N LEU A 101 16.47 0.55 -26.71
CA LEU A 101 15.88 -0.78 -26.66
C LEU A 101 15.70 -1.19 -25.21
N ILE A 102 14.46 -1.49 -24.82
CA ILE A 102 14.15 -1.93 -23.47
C ILE A 102 13.35 -3.22 -23.56
N LYS A 103 13.44 -4.02 -22.51
CA LYS A 103 12.78 -5.32 -22.44
C LYS A 103 11.54 -5.24 -21.58
N GLN A 104 10.50 -5.99 -21.97
CA GLN A 104 9.25 -6.05 -21.24
C GLN A 104 9.10 -7.41 -20.58
N PHE A 105 8.72 -7.39 -19.31
CA PHE A 105 8.57 -8.57 -18.49
C PHE A 105 7.10 -8.84 -18.21
N PRO A 106 6.74 -10.09 -17.85
CA PRO A 106 5.32 -10.42 -17.66
C PRO A 106 4.61 -9.59 -16.59
N VAL A 107 5.33 -8.72 -15.89
CA VAL A 107 4.72 -7.89 -14.86
C VAL A 107 4.94 -6.41 -15.15
N THR A 108 5.12 -6.07 -16.43
CA THR A 108 5.33 -4.69 -16.80
C THR A 108 4.18 -4.05 -17.57
N CYS A 109 3.33 -4.84 -18.22
CA CYS A 109 2.16 -4.31 -18.91
C CYS A 109 1.05 -4.11 -17.91
N GLU A 110 0.73 -2.85 -17.61
CA GLU A 110 -0.27 -2.51 -16.62
C GLU A 110 -1.18 -1.41 -17.16
N THR A 111 -2.39 -1.34 -16.60
CA THR A 111 -3.40 -0.38 -17.02
C THR A 111 -3.64 0.62 -15.89
N GLY A 112 -3.72 1.90 -16.26
CA GLY A 112 -3.94 2.95 -15.30
C GLY A 112 -2.90 4.04 -15.40
N PRO A 113 -3.20 5.22 -14.87
CA PRO A 113 -2.23 6.31 -14.89
C PRO A 113 -0.99 5.96 -14.08
N GLY A 114 0.13 6.52 -14.49
CA GLY A 114 1.41 6.19 -13.91
C GLY A 114 1.85 7.04 -12.74
N SER A 115 0.99 7.90 -12.20
CA SER A 115 1.37 8.78 -11.11
C SER A 115 0.18 9.06 -10.21
N PRO A 116 0.36 9.06 -8.89
CA PRO A 116 1.63 8.76 -8.20
C PRO A 116 1.83 7.26 -7.99
N SER A 117 3.03 6.85 -7.62
CA SER A 117 3.31 5.45 -7.35
C SER A 117 2.55 4.98 -6.12
N GLY A 118 2.13 3.72 -6.15
CA GLY A 118 1.41 3.14 -5.03
C GLY A 118 2.29 2.35 -4.09
N HIS A 119 3.15 1.50 -4.67
CA HIS A 119 4.07 0.72 -3.86
C HIS A 119 5.01 1.61 -3.06
N ALA A 120 5.57 2.64 -3.72
CA ALA A 120 6.48 3.54 -3.02
C ALA A 120 5.78 4.28 -1.90
N MET A 121 4.56 4.78 -2.16
CA MET A 121 3.82 5.49 -1.12
C MET A 121 3.54 4.59 0.08
N GLY A 122 3.03 3.39 -0.18
CA GLY A 122 2.71 2.49 0.91
C GLY A 122 3.93 2.09 1.72
N THR A 123 5.01 1.70 1.04
CA THR A 123 6.22 1.30 1.74
C THR A 123 6.80 2.46 2.54
N ALA A 124 6.88 3.64 1.94
CA ALA A 124 7.42 4.79 2.64
C ALA A 124 6.63 5.10 3.90
N GLY A 125 5.31 5.19 3.78
CA GLY A 125 4.50 5.51 4.95
C GLY A 125 4.62 4.47 6.05
N VAL A 126 4.43 3.19 5.69
CA VAL A 126 4.42 2.14 6.69
C VAL A 126 5.78 2.01 7.36
N TYR A 127 6.86 2.04 6.59
CA TYR A 127 8.17 1.83 7.17
C TYR A 127 8.65 3.05 7.95
N TYR A 128 8.27 4.27 7.54
CA TYR A 128 8.55 5.43 8.38
C TYR A 128 7.84 5.33 9.71
N VAL A 129 6.57 4.90 9.69
CA VAL A 129 5.82 4.73 10.93
C VAL A 129 6.52 3.71 11.82
N MET A 130 6.92 2.58 11.24
CA MET A 130 7.56 1.52 12.03
C MET A 130 8.88 1.99 12.64
N VAL A 131 9.72 2.66 11.84
CA VAL A 131 11.02 3.09 12.32
C VAL A 131 10.86 4.13 13.43
N THR A 132 9.98 5.12 13.22
CA THR A 132 9.78 6.13 14.25
C THR A 132 9.22 5.53 15.53
N SER A 133 8.28 4.59 15.39
CA SER A 133 7.71 3.94 16.58
C SER A 133 8.78 3.17 17.35
N THR A 134 9.61 2.40 16.63
CA THR A 134 10.65 1.63 17.30
C THR A 134 11.65 2.55 18.01
N LEU A 135 12.06 3.63 17.33
CA LEU A 135 13.01 4.54 17.96
C LEU A 135 12.42 5.22 19.18
N SER A 136 11.13 5.56 19.14
CA SER A 136 10.50 6.17 20.29
C SER A 136 10.39 5.17 21.45
N ILE A 137 10.05 3.92 21.15
CA ILE A 137 9.87 2.94 22.22
C ILE A 137 11.20 2.59 22.88
N PHE A 138 12.28 2.47 22.09
CA PHE A 138 13.57 2.03 22.61
C PHE A 138 14.45 3.19 23.06
N GLN A 139 13.87 4.30 23.50
CA GLN A 139 14.64 5.44 23.97
C GLN A 139 15.09 5.29 25.42
N GLY A 140 15.10 4.07 25.96
CA GLY A 140 15.52 3.86 27.33
C GLY A 140 16.65 2.87 27.48
N LYS A 141 17.61 2.91 26.55
CA LYS A 141 18.77 2.03 26.65
C LYS A 141 19.69 2.49 27.76
N ILE A 142 20.12 1.56 28.61
CA ILE A 142 21.02 1.89 29.72
C ILE A 142 22.43 1.79 29.17
N LYS A 143 22.86 2.87 28.52
CA LYS A 143 24.16 2.95 27.86
C LYS A 143 24.55 4.41 27.76
N PRO A 144 25.84 4.71 27.57
CA PRO A 144 26.24 6.12 27.46
C PRO A 144 25.88 6.75 26.12
N THR A 145 24.66 6.51 25.66
CA THR A 145 24.07 7.13 24.47
C THR A 145 24.83 6.84 23.19
N TYR A 146 25.91 6.06 23.27
CA TYR A 146 26.59 5.63 22.06
C TYR A 146 25.78 4.56 21.33
N ARG A 147 25.25 3.60 22.09
CA ARG A 147 24.49 2.51 21.49
C ARG A 147 23.21 3.01 20.86
N PHE A 148 22.58 4.03 21.47
CA PHE A 148 21.37 4.59 20.88
C PHE A 148 21.66 5.31 19.56
N ARG A 149 22.78 6.04 19.50
CA ARG A 149 23.17 6.66 18.24
C ARG A 149 23.45 5.60 17.17
N CYS A 150 24.12 4.52 17.57
CA CYS A 150 24.38 3.44 16.62
C CYS A 150 23.07 2.82 16.13
N LEU A 151 22.10 2.64 17.02
CA LEU A 151 20.81 2.09 16.63
C LEU A 151 20.08 3.04 15.68
N ASN A 152 20.14 4.35 15.96
CA ASN A 152 19.57 5.33 15.05
C ASN A 152 20.17 5.19 13.65
N VAL A 153 21.50 5.14 13.58
CA VAL A 153 22.18 5.07 12.29
C VAL A 153 21.79 3.79 11.56
N ILE A 154 21.79 2.66 12.26
CA ILE A 154 21.50 1.38 11.61
C ILE A 154 20.05 1.34 11.13
N LEU A 155 19.10 1.78 11.96
CA LEU A 155 17.69 1.73 11.54
C LEU A 155 17.43 2.66 10.36
N TRP A 156 18.01 3.87 10.38
CA TRP A 156 17.79 4.77 9.26
C TRP A 156 18.45 4.22 7.99
N LEU A 157 19.62 3.60 8.12
CA LEU A 157 20.26 2.99 6.96
C LEU A 157 19.40 1.87 6.39
N GLY A 158 18.81 1.05 7.25
CA GLY A 158 17.92 -0.01 6.77
C GLY A 158 16.70 0.54 6.07
N PHE A 159 16.08 1.58 6.65
CA PHE A 159 14.90 2.18 6.02
C PHE A 159 15.25 2.73 4.64
N TRP A 160 16.37 3.45 4.54
CA TRP A 160 16.75 4.02 3.26
C TRP A 160 17.13 2.94 2.25
N ALA A 161 17.73 1.83 2.71
CA ALA A 161 18.03 0.74 1.80
C ALA A 161 16.76 0.11 1.24
N VAL A 162 15.75 -0.08 2.10
CA VAL A 162 14.48 -0.60 1.62
C VAL A 162 13.86 0.35 0.61
N GLN A 163 13.87 1.65 0.91
CA GLN A 163 13.32 2.62 -0.03
C GLN A 163 14.05 2.61 -1.36
N LEU A 164 15.39 2.51 -1.32
CA LEU A 164 16.17 2.49 -2.56
C LEU A 164 15.86 1.26 -3.39
N ASN A 165 15.76 0.09 -2.75
CA ASN A 165 15.44 -1.12 -3.49
C ASN A 165 14.05 -1.04 -4.11
N VAL A 166 13.06 -0.53 -3.37
CA VAL A 166 11.72 -0.40 -3.92
C VAL A 166 11.72 0.58 -5.09
N CYS A 167 12.47 1.67 -4.97
CA CYS A 167 12.54 2.66 -6.05
C CYS A 167 13.18 2.07 -7.30
N LEU A 168 14.24 1.27 -7.12
CA LEU A 168 14.91 0.71 -8.29
C LEU A 168 14.11 -0.43 -8.91
N SER A 169 13.26 -1.10 -8.12
CA SER A 169 12.48 -2.21 -8.66
C SER A 169 11.53 -1.74 -9.75
N ARG A 170 10.85 -0.61 -9.54
CA ARG A 170 9.91 -0.10 -10.52
C ARG A 170 10.58 0.60 -11.69
N ILE A 171 11.88 0.89 -11.60
CA ILE A 171 12.59 1.48 -12.72
C ILE A 171 13.21 0.41 -13.60
N TYR A 172 13.78 -0.63 -13.00
CA TYR A 172 14.35 -1.73 -13.80
C TYR A 172 13.27 -2.42 -14.62
N LEU A 173 12.09 -2.60 -14.04
CA LEU A 173 11.00 -3.31 -14.70
C LEU A 173 10.34 -2.50 -15.81
N ALA A 174 10.76 -1.25 -16.02
CA ALA A 174 10.16 -0.37 -17.01
C ALA A 174 8.66 -0.21 -16.77
N ALA A 175 8.34 0.28 -15.57
CA ALA A 175 6.96 0.53 -15.19
C ALA A 175 6.75 1.86 -14.48
N HIS A 176 7.80 2.66 -14.31
CA HIS A 176 7.69 3.96 -13.66
C HIS A 176 8.88 4.82 -14.06
N PHE A 177 8.76 6.10 -13.80
CA PHE A 177 9.83 7.08 -13.97
C PHE A 177 10.42 7.44 -12.62
N PRO A 178 11.68 7.90 -12.59
CA PRO A 178 12.28 8.24 -11.28
C PRO A 178 11.53 9.29 -10.50
N HIS A 179 10.99 10.31 -11.17
CA HIS A 179 10.26 11.34 -10.43
C HIS A 179 8.96 10.80 -9.86
N GLN A 180 8.34 9.83 -10.55
CA GLN A 180 7.08 9.27 -10.07
C GLN A 180 7.26 8.41 -8.82
N VAL A 181 8.48 7.98 -8.49
CA VAL A 181 8.70 7.24 -7.26
C VAL A 181 9.29 8.16 -6.20
N VAL A 182 10.07 9.16 -6.62
CA VAL A 182 10.56 10.15 -5.67
C VAL A 182 9.39 10.91 -5.05
N ALA A 183 8.45 11.37 -5.89
CA ALA A 183 7.28 12.07 -5.37
C ALA A 183 6.43 11.18 -4.48
N GLY A 184 6.31 9.90 -4.85
CA GLY A 184 5.55 8.99 -4.01
C GLY A 184 6.17 8.79 -2.64
N VAL A 185 7.49 8.64 -2.60
CA VAL A 185 8.17 8.50 -1.31
C VAL A 185 8.00 9.75 -0.47
N LEU A 186 8.16 10.93 -1.09
CA LEU A 186 8.00 12.17 -0.33
C LEU A 186 6.58 12.32 0.19
N SER A 187 5.57 11.98 -0.63
CA SER A 187 4.19 12.07 -0.18
C SER A 187 3.89 11.10 0.95
N GLY A 188 4.42 9.88 0.87
CA GLY A 188 4.24 8.94 1.96
C GLY A 188 4.84 9.43 3.25
N ILE A 189 6.05 10.00 3.17
CA ILE A 189 6.68 10.56 4.37
C ILE A 189 5.84 11.71 4.92
N ALA A 190 5.32 12.56 4.04
CA ALA A 190 4.51 13.70 4.49
C ALA A 190 3.25 13.22 5.22
N VAL A 191 2.58 12.21 4.67
CA VAL A 191 1.36 11.70 5.30
C VAL A 191 1.68 11.04 6.65
N ALA A 192 2.76 10.25 6.70
CA ALA A 192 3.13 9.61 7.95
C ALA A 192 3.53 10.63 9.01
N GLU A 193 4.09 11.77 8.59
CA GLU A 193 4.41 12.83 9.53
C GLU A 193 3.14 13.57 9.98
N THR A 194 2.19 13.76 9.07
CA THR A 194 0.96 14.47 9.42
C THR A 194 0.14 13.69 10.44
N PHE A 195 0.00 12.38 10.25
CA PHE A 195 -0.70 11.57 11.24
C PHE A 195 0.09 11.33 12.52
N SER A 196 1.16 12.08 12.76
CA SER A 196 1.81 12.05 14.06
C SER A 196 1.27 13.11 15.01
N HIS A 197 0.39 13.99 14.54
CA HIS A 197 -0.16 15.07 15.35
C HIS A 197 -1.68 15.04 15.39
N ILE A 198 -2.26 13.85 15.30
CA ILE A 198 -3.71 13.64 15.35
C ILE A 198 -3.97 12.62 16.44
N HIS A 199 -4.43 13.07 17.60
CA HIS A 199 -4.67 12.20 18.75
C HIS A 199 -6.15 11.88 18.94
N SER A 200 -6.99 12.19 17.96
CA SER A 200 -8.42 11.96 18.05
C SER A 200 -8.86 10.65 17.41
N ILE A 201 -7.91 9.80 17.01
CA ILE A 201 -8.24 8.57 16.30
C ILE A 201 -7.94 7.31 17.11
N TYR A 202 -7.24 7.43 18.23
CA TYR A 202 -6.91 6.24 19.02
C TYR A 202 -8.10 5.74 19.82
N ASN A 203 -8.99 6.63 20.25
CA ASN A 203 -10.22 6.26 20.95
C ASN A 203 -11.37 7.07 20.36
N ALA A 204 -11.98 6.53 19.31
CA ALA A 204 -13.08 7.20 18.61
C ALA A 204 -14.28 6.28 18.56
N SER A 205 -15.47 6.87 18.76
CA SER A 205 -16.70 6.11 18.77
C SER A 205 -17.05 5.61 17.38
N LEU A 206 -17.96 4.63 17.33
CA LEU A 206 -18.37 4.06 16.05
C LEU A 206 -19.03 5.10 15.16
N LYS A 207 -19.68 6.09 15.74
CA LYS A 207 -20.31 7.15 14.95
C LYS A 207 -19.27 7.91 14.14
N LYS A 208 -18.13 8.23 14.74
CA LYS A 208 -17.08 8.95 14.02
C LYS A 208 -16.52 8.11 12.88
N TYR A 209 -16.29 6.82 13.13
CA TYR A 209 -15.78 5.95 12.06
C TYR A 209 -16.77 5.86 10.92
N PHE A 210 -18.06 5.69 11.23
CA PHE A 210 -19.07 5.62 10.20
C PHE A 210 -19.15 6.91 9.40
N LEU A 211 -19.10 8.06 10.08
CA LEU A 211 -19.17 9.34 9.38
C LEU A 211 -17.96 9.56 8.49
N ILE A 212 -16.76 9.20 8.97
CA ILE A 212 -15.56 9.37 8.15
C ILE A 212 -15.62 8.48 6.92
N THR A 213 -16.03 7.22 7.11
CA THR A 213 -16.14 6.32 5.96
C THR A 213 -17.18 6.82 4.97
N PHE A 214 -18.32 7.29 5.46
CA PHE A 214 -19.36 7.80 4.58
C PHE A 214 -18.88 9.03 3.82
N PHE A 215 -18.18 9.93 4.49
CA PHE A 215 -17.66 11.12 3.82
C PHE A 215 -16.67 10.75 2.73
N LEU A 216 -15.75 9.83 3.02
CA LEU A 216 -14.77 9.42 2.01
C LEU A 216 -15.46 8.77 0.82
N PHE A 217 -16.41 7.87 1.08
CA PHE A 217 -17.15 7.21 0.02
C PHE A 217 -17.89 8.22 -0.85
N SER A 218 -18.63 9.14 -0.21
CA SER A 218 -19.43 10.10 -0.94
C SER A 218 -18.55 11.04 -1.75
N PHE A 219 -17.44 11.52 -1.17
CA PHE A 219 -16.57 12.41 -1.92
C PHE A 219 -15.94 11.70 -3.11
N ALA A 220 -15.50 10.46 -2.94
CA ALA A 220 -14.91 9.72 -4.05
C ALA A 220 -15.91 9.57 -5.19
N ILE A 221 -17.12 9.09 -4.87
CA ILE A 221 -18.10 8.85 -5.93
C ILE A 221 -18.58 10.15 -6.57
N GLY A 222 -18.78 11.18 -5.75
CA GLY A 222 -19.19 12.47 -6.30
C GLY A 222 -18.15 13.07 -7.22
N PHE A 223 -16.87 12.97 -6.84
CA PHE A 223 -15.81 13.45 -7.71
C PHE A 223 -15.73 12.65 -8.99
N TYR A 224 -15.92 11.32 -8.89
CA TYR A 224 -15.92 10.50 -10.10
C TYR A 224 -17.03 10.92 -11.06
N LEU A 225 -18.25 11.09 -10.53
CA LEU A 225 -19.36 11.48 -11.39
C LEU A 225 -19.20 12.90 -11.92
N LEU A 226 -18.63 13.81 -11.12
CA LEU A 226 -18.39 15.16 -11.59
C LEU A 226 -17.36 15.19 -12.71
N LEU A 227 -16.31 14.38 -12.60
CA LEU A 227 -15.34 14.27 -13.69
C LEU A 227 -15.98 13.67 -14.93
N LYS A 228 -16.83 12.65 -14.76
CA LYS A 228 -17.50 12.04 -15.90
C LYS A 228 -18.40 13.04 -16.61
N GLY A 229 -19.15 13.84 -15.85
CA GLY A 229 -20.09 14.76 -16.45
C GLY A 229 -19.46 15.98 -17.08
N LEU A 230 -18.22 16.32 -16.69
CA LEU A 230 -17.56 17.52 -17.17
C LEU A 230 -16.76 17.28 -18.46
N GLY A 231 -17.04 16.18 -19.17
CA GLY A 231 -16.35 15.90 -20.41
C GLY A 231 -14.87 15.63 -20.24
N VAL A 232 -14.52 14.82 -19.25
CA VAL A 232 -13.14 14.45 -18.98
C VAL A 232 -12.98 12.96 -19.25
N ASP A 233 -11.97 12.61 -20.06
CA ASP A 233 -11.69 11.22 -20.34
C ASP A 233 -11.09 10.54 -19.13
N LEU A 234 -11.64 9.38 -18.76
CA LEU A 234 -11.11 8.59 -17.66
C LEU A 234 -10.65 7.21 -18.10
N LEU A 235 -10.93 6.81 -19.34
CA LEU A 235 -10.49 5.53 -19.90
C LEU A 235 -9.61 5.84 -21.10
N TRP A 236 -8.31 6.07 -20.85
CA TRP A 236 -7.38 6.37 -21.92
C TRP A 236 -6.15 5.48 -21.82
N THR A 237 -5.84 5.00 -20.62
CA THR A 237 -4.66 4.15 -20.45
C THR A 237 -4.90 2.74 -20.99
N LEU A 238 -6.15 2.29 -21.01
CA LEU A 238 -6.44 0.93 -21.46
C LEU A 238 -6.09 0.74 -22.93
N GLU A 239 -6.38 1.74 -23.76
CA GLU A 239 -6.07 1.64 -25.18
C GLU A 239 -4.57 1.50 -25.39
N LYS A 240 -3.78 2.35 -24.73
CA LYS A 240 -2.32 2.27 -24.88
C LYS A 240 -1.79 0.95 -24.34
N ALA A 241 -2.30 0.49 -23.20
CA ALA A 241 -1.82 -0.77 -22.63
C ALA A 241 -2.11 -1.94 -23.54
N GLN A 242 -3.30 -1.99 -24.12
CA GLN A 242 -3.65 -3.08 -25.02
C GLN A 242 -3.05 -2.92 -26.41
N ARG A 243 -2.54 -1.73 -26.75
CA ARG A 243 -1.93 -1.53 -28.05
C ARG A 243 -0.44 -1.82 -28.05
N TRP A 244 0.30 -1.34 -27.05
CA TRP A 244 1.75 -1.36 -27.08
C TRP A 244 2.38 -2.52 -26.31
N CYS A 245 1.58 -3.37 -25.67
CA CYS A 245 2.14 -4.54 -25.01
C CYS A 245 2.61 -5.56 -26.05
N GLU A 246 3.68 -6.28 -25.71
CA GLU A 246 4.28 -7.21 -26.67
C GLU A 246 3.34 -8.35 -27.02
N GLN A 247 2.63 -8.90 -26.04
CA GLN A 247 1.74 -10.03 -26.28
C GLN A 247 0.37 -9.73 -25.70
N PRO A 248 -0.69 -10.21 -26.35
CA PRO A 248 -2.04 -9.92 -25.85
C PRO A 248 -2.50 -10.89 -24.78
N GLU A 249 -1.63 -11.18 -23.81
CA GLU A 249 -2.01 -12.02 -22.67
C GLU A 249 -1.53 -11.49 -21.33
N TRP A 250 -0.50 -10.63 -21.29
CA TRP A 250 -0.04 -10.10 -20.01
C TRP A 250 -0.99 -9.03 -19.47
N VAL A 251 -1.63 -8.27 -20.36
CA VAL A 251 -2.53 -7.20 -19.93
C VAL A 251 -3.75 -7.81 -19.25
N HIS A 252 -4.17 -7.20 -18.13
CA HIS A 252 -5.31 -7.66 -17.37
C HIS A 252 -6.35 -6.55 -17.35
N ILE A 253 -7.53 -6.83 -17.91
CA ILE A 253 -8.64 -5.87 -17.93
C ILE A 253 -9.56 -6.17 -16.76
N ASP A 254 -9.87 -5.15 -15.97
CA ASP A 254 -10.64 -5.31 -14.74
C ASP A 254 -12.05 -4.76 -14.82
N THR A 255 -12.26 -3.65 -15.54
CA THR A 255 -13.54 -2.95 -15.71
C THR A 255 -14.28 -2.74 -14.38
N THR A 256 -13.54 -2.76 -13.26
CA THR A 256 -14.10 -2.46 -11.94
C THR A 256 -13.22 -1.41 -11.30
N PRO A 257 -13.46 -0.13 -11.58
CA PRO A 257 -12.57 0.93 -11.08
C PRO A 257 -12.86 1.33 -9.64
N PHE A 258 -13.63 0.51 -8.92
CA PHE A 258 -13.99 0.78 -7.54
C PHE A 258 -13.65 -0.40 -6.65
N ALA A 259 -12.49 -1.01 -6.86
CA ALA A 259 -12.09 -2.16 -6.06
C ALA A 259 -11.21 -1.75 -4.88
N SER A 260 -10.14 -1.00 -5.16
CA SER A 260 -9.24 -0.57 -4.09
C SER A 260 -9.95 0.34 -3.10
N LEU A 261 -10.80 1.25 -3.60
CA LEU A 261 -11.55 2.13 -2.72
C LEU A 261 -12.42 1.34 -1.75
N LEU A 262 -13.17 0.37 -2.27
CA LEU A 262 -14.06 -0.40 -1.42
C LEU A 262 -13.28 -1.28 -0.45
N LYS A 263 -12.14 -1.83 -0.89
CA LYS A 263 -11.33 -2.64 0.02
C LYS A 263 -10.78 -1.80 1.17
N ASN A 264 -10.30 -0.60 0.87
CA ASN A 264 -9.78 0.28 1.92
C ASN A 264 -10.88 0.69 2.89
N LEU A 265 -12.04 1.08 2.36
CA LEU A 265 -13.14 1.47 3.22
C LEU A 265 -13.61 0.30 4.08
N GLY A 266 -13.62 -0.92 3.50
CA GLY A 266 -13.98 -2.08 4.27
C GLY A 266 -13.01 -2.36 5.41
N THR A 267 -11.71 -2.21 5.15
CA THR A 267 -10.73 -2.41 6.21
C THR A 267 -10.92 -1.38 7.33
N LEU A 268 -11.13 -0.11 6.94
CA LEU A 268 -11.32 0.93 7.95
C LEU A 268 -12.57 0.67 8.79
N PHE A 269 -13.68 0.32 8.13
CA PHE A 269 -14.91 0.05 8.86
C PHE A 269 -14.79 -1.19 9.74
N GLY A 270 -14.08 -2.20 9.27
CA GLY A 270 -13.84 -3.37 10.10
C GLY A 270 -13.04 -3.05 11.35
N LEU A 271 -12.01 -2.21 11.21
CA LEU A 271 -11.28 -1.77 12.39
C LEU A 271 -12.18 -0.99 13.33
N GLY A 272 -13.03 -0.12 12.78
CA GLY A 272 -13.94 0.64 13.62
C GLY A 272 -14.89 -0.25 14.40
N LEU A 273 -15.46 -1.26 13.73
CA LEU A 273 -16.35 -2.19 14.43
C LEU A 273 -15.60 -3.01 15.47
N ALA A 274 -14.39 -3.47 15.14
CA ALA A 274 -13.64 -4.31 16.07
C ALA A 274 -13.25 -3.54 17.33
N LEU A 275 -12.85 -2.27 17.17
CA LEU A 275 -12.37 -1.51 18.31
C LEU A 275 -13.48 -1.28 19.33
N ASN A 276 -14.71 -1.07 18.87
CA ASN A 276 -15.83 -0.79 19.75
C ASN A 276 -16.63 -2.03 20.13
N SER A 277 -16.22 -3.20 19.68
CA SER A 277 -16.96 -4.42 19.98
C SER A 277 -16.72 -4.86 21.42
N SER A 278 -17.61 -5.72 21.91
CA SER A 278 -17.47 -6.23 23.28
C SER A 278 -16.36 -7.26 23.39
N MET A 279 -16.11 -8.01 22.32
CA MET A 279 -15.04 -9.02 22.36
C MET A 279 -13.69 -8.37 22.61
N TYR A 280 -13.40 -7.26 21.93
CA TYR A 280 -12.14 -6.57 22.12
C TYR A 280 -12.03 -6.00 23.53
N ARG A 281 -13.12 -5.41 24.05
CA ARG A 281 -13.08 -4.85 25.39
C ARG A 281 -13.08 -5.89 26.48
N GLU A 282 -13.38 -7.16 26.16
CA GLU A 282 -13.37 -8.22 27.16
C GLU A 282 -12.09 -9.04 27.15
N SER A 283 -11.60 -9.41 25.97
CA SER A 283 -10.45 -10.32 25.89
C SER A 283 -9.13 -9.58 25.79
N CYS A 284 -8.96 -8.76 24.75
CA CYS A 284 -7.68 -8.09 24.50
C CYS A 284 -7.36 -7.01 25.51
N LYS A 285 -8.32 -6.60 26.34
CA LYS A 285 -8.12 -5.55 27.33
C LYS A 285 -8.54 -6.03 28.70
N GLY A 286 -8.20 -7.27 29.05
CA GLY A 286 -8.56 -7.82 30.34
C GLY A 286 -7.35 -8.18 31.18
N LYS A 287 -7.26 -9.45 31.59
CA LYS A 287 -6.13 -9.91 32.38
C LYS A 287 -5.00 -10.43 31.50
N LEU A 288 -5.32 -11.22 30.48
CA LEU A 288 -4.30 -11.78 29.59
C LEU A 288 -4.01 -10.79 28.45
N SER A 289 -3.35 -9.70 28.83
CA SER A 289 -2.98 -8.68 27.86
C SER A 289 -1.51 -8.32 28.02
N LYS A 290 -0.97 -8.53 29.21
CA LYS A 290 0.44 -8.26 29.50
C LYS A 290 1.29 -9.51 29.52
N TRP A 291 0.75 -10.67 29.14
CA TRP A 291 1.45 -11.93 29.19
C TRP A 291 1.93 -12.25 27.77
N LEU A 292 3.25 -12.33 27.61
CA LEU A 292 3.84 -12.47 26.27
C LEU A 292 3.38 -13.71 25.51
N PRO A 293 3.29 -14.91 26.10
CA PRO A 293 2.88 -16.07 25.29
C PRO A 293 1.52 -15.90 24.64
N PHE A 294 0.58 -15.25 25.31
CA PHE A 294 -0.73 -15.02 24.69
C PHE A 294 -0.61 -14.16 23.45
N ARG A 295 0.17 -13.08 23.53
CA ARG A 295 0.35 -12.22 22.37
C ARG A 295 1.06 -12.94 21.24
N LEU A 296 2.07 -13.74 21.57
CA LEU A 296 2.78 -14.49 20.53
C LEU A 296 1.84 -15.48 19.84
N SER A 297 1.02 -16.20 20.62
CA SER A 297 0.08 -17.14 20.03
C SER A 297 -0.94 -16.40 19.17
N SER A 298 -1.40 -15.23 19.62
CA SER A 298 -2.33 -14.45 18.81
C SER A 298 -1.69 -14.05 17.48
N ILE A 299 -0.43 -13.62 17.50
CA ILE A 299 0.25 -13.25 16.27
C ILE A 299 0.35 -14.45 15.33
N VAL A 300 0.76 -15.60 15.87
CA VAL A 300 0.96 -16.78 15.03
C VAL A 300 -0.37 -17.21 14.40
N ALA A 301 -1.43 -17.26 15.20
CA ALA A 301 -2.73 -17.67 14.67
C ALA A 301 -3.26 -16.66 13.66
N SER A 302 -3.14 -15.36 13.96
CA SER A 302 -3.64 -14.36 13.04
C SER A 302 -2.83 -14.30 11.76
N LEU A 303 -1.61 -14.83 11.76
CA LEU A 303 -0.87 -14.95 10.50
C LEU A 303 -1.33 -16.17 9.72
N VAL A 304 -1.33 -17.34 10.36
CA VAL A 304 -1.61 -18.59 9.64
C VAL A 304 -3.03 -18.60 9.11
N LEU A 305 -4.00 -18.30 9.98
CA LEU A 305 -5.40 -18.36 9.58
C LEU A 305 -5.73 -17.33 8.52
N LEU A 306 -5.18 -16.11 8.64
CA LEU A 306 -5.44 -15.10 7.63
C LEU A 306 -4.81 -15.48 6.28
N HIS A 307 -3.60 -16.05 6.31
CA HIS A 307 -2.99 -16.46 5.04
C HIS A 307 -3.79 -17.58 4.38
N VAL A 308 -4.31 -18.52 5.17
CA VAL A 308 -5.15 -19.57 4.60
C VAL A 308 -6.45 -18.98 4.06
N PHE A 309 -7.04 -18.04 4.80
CA PHE A 309 -8.30 -17.43 4.36
C PHE A 309 -8.13 -16.59 3.11
N ASP A 310 -6.93 -16.08 2.87
CA ASP A 310 -6.71 -15.22 1.70
C ASP A 310 -6.90 -15.94 0.38
N SER A 311 -6.95 -17.27 0.37
CA SER A 311 -7.13 -18.01 -0.87
C SER A 311 -8.53 -17.87 -1.45
N LEU A 312 -9.48 -17.30 -0.70
CA LEU A 312 -10.84 -17.12 -1.19
C LEU A 312 -10.93 -15.86 -2.05
N LYS A 313 -11.50 -16.00 -3.24
CA LYS A 313 -11.63 -14.89 -4.17
C LYS A 313 -13.09 -14.69 -4.55
N PRO A 314 -13.64 -13.49 -4.39
CA PRO A 314 -15.04 -13.27 -4.72
C PRO A 314 -15.28 -13.37 -6.22
N PRO A 315 -16.47 -13.78 -6.64
CA PRO A 315 -16.77 -13.83 -8.07
C PRO A 315 -16.79 -12.44 -8.68
N SER A 316 -16.44 -12.37 -9.96
CA SER A 316 -16.37 -11.11 -10.70
C SER A 316 -17.31 -11.10 -11.90
N GLN A 317 -18.38 -11.90 -11.86
CA GLN A 317 -19.34 -11.95 -12.95
C GLN A 317 -20.45 -10.92 -12.80
N VAL A 318 -20.75 -10.50 -11.57
CA VAL A 318 -21.73 -9.46 -11.30
C VAL A 318 -21.03 -8.34 -10.55
N GLU A 319 -21.15 -7.12 -11.06
CA GLU A 319 -20.38 -6.00 -10.51
C GLU A 319 -20.81 -5.66 -9.09
N LEU A 320 -22.12 -5.55 -8.85
CA LEU A 320 -22.60 -5.18 -7.53
C LEU A 320 -22.27 -6.26 -6.49
N VAL A 321 -22.47 -7.53 -6.86
CA VAL A 321 -22.14 -8.62 -5.95
C VAL A 321 -20.64 -8.66 -5.69
N PHE A 322 -19.83 -8.39 -6.72
CA PHE A 322 -18.40 -8.34 -6.55
C PHE A 322 -18.01 -7.24 -5.57
N TYR A 323 -18.61 -6.06 -5.70
CA TYR A 323 -18.31 -4.95 -4.80
C TYR A 323 -18.70 -5.28 -3.36
N VAL A 324 -19.91 -5.81 -3.16
CA VAL A 324 -20.36 -6.11 -1.81
C VAL A 324 -19.47 -7.18 -1.18
N LEU A 325 -19.15 -8.24 -1.93
CA LEU A 325 -18.32 -9.30 -1.38
C LEU A 325 -16.90 -8.81 -1.11
N SER A 326 -16.36 -7.94 -1.95
CA SER A 326 -15.04 -7.38 -1.68
C SER A 326 -15.04 -6.53 -0.41
N PHE A 327 -16.08 -5.72 -0.22
CA PHE A 327 -16.19 -4.93 0.99
C PHE A 327 -16.24 -5.83 2.22
N CYS A 328 -17.11 -6.85 2.19
CA CYS A 328 -17.24 -7.74 3.34
C CYS A 328 -15.99 -8.56 3.58
N LYS A 329 -15.24 -8.88 2.52
CA LYS A 329 -14.01 -9.65 2.67
C LYS A 329 -12.90 -8.80 3.26
N SER A 330 -12.78 -7.55 2.82
CA SER A 330 -11.77 -6.67 3.39
C SER A 330 -12.11 -6.23 4.80
N ALA A 331 -13.39 -6.25 5.17
CA ALA A 331 -13.77 -5.87 6.53
C ALA A 331 -13.51 -6.96 7.55
N VAL A 332 -13.11 -8.15 7.13
CA VAL A 332 -12.93 -9.25 8.07
C VAL A 332 -11.54 -9.26 8.70
N VAL A 333 -10.50 -8.89 7.94
CA VAL A 333 -9.13 -9.01 8.44
C VAL A 333 -8.92 -8.27 9.76
N PRO A 334 -9.25 -6.98 9.88
CA PRO A 334 -9.16 -6.36 11.22
C PRO A 334 -10.16 -6.94 12.19
N LEU A 335 -11.40 -7.15 11.74
CA LEU A 335 -12.41 -7.73 12.63
C LEU A 335 -12.01 -9.12 13.10
N ALA A 336 -11.27 -9.86 12.28
CA ALA A 336 -10.75 -11.15 12.73
C ALA A 336 -9.64 -10.95 13.74
N SER A 337 -8.55 -10.28 13.32
CA SER A 337 -7.33 -10.22 14.14
C SER A 337 -7.57 -9.55 15.49
N VAL A 338 -8.32 -8.45 15.50
CA VAL A 338 -8.51 -7.71 16.75
C VAL A 338 -9.42 -8.47 17.71
N SER A 339 -10.50 -9.07 17.19
CA SER A 339 -11.59 -9.55 18.02
C SER A 339 -11.69 -11.06 18.12
N VAL A 340 -11.76 -11.77 17.00
CA VAL A 340 -12.20 -13.17 17.03
C VAL A 340 -11.12 -14.08 17.58
N ILE A 341 -9.92 -14.04 16.99
CA ILE A 341 -8.85 -14.93 17.43
C ILE A 341 -8.47 -14.70 18.90
N PRO A 342 -8.27 -13.46 19.37
CA PRO A 342 -8.00 -13.29 20.81
C PRO A 342 -9.09 -13.84 21.70
N TYR A 343 -10.37 -13.66 21.31
CA TYR A 343 -11.47 -14.20 22.11
C TYR A 343 -11.42 -15.71 22.18
N CYS A 344 -11.19 -16.36 21.03
CA CYS A 344 -11.12 -17.81 21.01
C CYS A 344 -9.95 -18.33 21.82
N LEU A 345 -8.79 -17.68 21.70
CA LEU A 345 -7.62 -18.11 22.48
C LEU A 345 -7.88 -17.94 23.97
N ALA A 346 -8.46 -16.81 24.38
CA ALA A 346 -8.72 -16.58 25.79
C ALA A 346 -9.72 -17.61 26.33
N GLN A 347 -10.73 -17.96 25.54
CA GLN A 347 -11.67 -18.99 25.98
C GLN A 347 -10.98 -20.35 26.07
N VAL A 348 -10.10 -20.66 25.12
CA VAL A 348 -9.45 -21.97 25.10
C VAL A 348 -8.54 -22.15 26.29
N LEU A 349 -7.67 -21.17 26.55
CA LEU A 349 -6.68 -21.29 27.61
C LEU A 349 -6.98 -20.39 28.81
N GLY A 350 -8.27 -20.15 29.08
CA GLY A 350 -8.66 -19.35 30.22
C GLY A 350 -9.77 -19.97 31.04
N GLN A 351 -10.09 -21.23 30.78
CA GLN A 351 -11.13 -21.97 31.50
C GLN A 351 -10.53 -23.29 31.97
N PRO A 352 -9.86 -23.30 33.11
CA PRO A 352 -9.21 -24.52 33.64
C PRO A 352 -10.17 -25.43 34.36
P POV B . 3.57 13.70 -13.64
C1 POV B . 3.79 13.70 -11.03
C2 POV B . 3.54 14.61 -9.83
C3 POV B . 4.59 15.72 -9.81
C210 POV B . -0.35 15.19 2.22
O11 POV B . 3.78 14.47 -12.19
C211 POV B . -1.15 16.00 3.23
O12 POV B . 2.62 14.50 -14.50
C212 POV B . -1.58 15.15 4.43
O13 POV B . 3.01 12.33 -13.39
C213 POV B . -3.06 14.76 4.37
O14 POV B . 4.91 13.57 -14.33
C214 POV B . -3.48 13.88 5.53
C215 POV B . -4.92 14.11 5.97
C21 POV B . 2.61 14.20 -7.72
O21 POV B . 3.60 13.86 -8.65
C22 POV B . 2.09 13.15 -6.74
O22 POV B . 2.18 15.30 -7.67
C23 POV B . 1.51 13.78 -5.47
C24 POV B . 0.79 12.75 -4.60
C25 POV B . -0.18 13.40 -3.61
C26 POV B . 0.54 14.17 -2.51
C27 POV B . -0.32 14.35 -1.27
C28 POV B . 0.50 14.77 -0.05
C29 POV B . -0.30 15.57 0.96
C31 POV B . 6.92 15.88 -10.02
O31 POV B . 5.84 15.14 -9.54
C32 POV B . 8.31 15.70 -9.42
O32 POV B . 6.76 16.66 -10.90
C33 POV B . 8.46 16.40 -8.07
C34 POV B . 8.92 15.44 -6.97
C35 POV B . 10.00 16.04 -6.07
C36 POV B . 11.38 15.97 -6.71
C210 POV C . 16.54 7.45 -8.31
C211 POV C . 16.64 6.31 -7.29
C212 POV C . 15.82 6.58 -6.04
C21 POV C . 22.17 7.81 -16.39
O21 POV C . 23.30 7.14 -16.82
C22 POV C . 21.42 7.34 -15.15
O22 POV C . 21.77 8.76 -17.00
C23 POV C . 22.31 6.55 -14.20
C24 POV C . 21.82 6.62 -12.76
C25 POV C . 20.83 5.51 -12.43
C26 POV C . 20.32 5.60 -11.00
C27 POV C . 19.01 6.39 -10.92
C28 POV C . 18.45 6.43 -9.49
C29 POV C . 17.38 7.50 -9.33
C21 POV D . 17.73 15.94 -15.11
O21 POV D . 18.94 15.48 -15.64
C22 POV D . 17.36 15.65 -13.65
O22 POV D . 16.97 16.54 -15.79
C23 POV D . 16.19 14.69 -13.53
C24 POV D . 15.74 14.49 -12.09
C25 POV D . 14.82 13.27 -11.94
C26 POV D . 14.30 13.11 -10.52
C27 POV D . 15.44 12.96 -9.51
C21 POV E . -9.81 12.88 11.47
O21 POV E . -9.69 11.56 11.91
C22 POV E . -9.12 13.32 10.20
O22 POV E . -10.47 13.65 12.10
C23 POV E . -9.02 12.20 9.17
C24 POV E . -8.52 12.72 7.82
C25 POV E . -9.50 12.42 6.69
C26 POV E . -9.53 13.54 5.65
C27 POV E . -8.63 13.24 4.45
C28 POV E . -8.56 14.42 3.49
C29 POV E . -9.90 14.70 2.82
C21 POV F . -20.71 2.68 -7.65
O21 POV F . -22.04 2.59 -8.06
C22 POV F . -20.28 2.09 -6.30
O22 POV F . -19.92 3.21 -8.34
C23 POV F . -21.27 1.06 -5.78
C24 POV F . -21.40 1.10 -4.26
C25 POV F . -21.83 -0.24 -3.66
C26 POV F . -21.67 -0.26 -2.14
C27 POV F . -21.84 -1.66 -1.56
C28 POV F . -21.46 -1.72 -0.08
C29 POV F . -21.83 -0.45 0.68
C210 POV G . 8.89 -6.78 12.61
C211 POV G . 8.90 -6.48 11.11
C21 POV G . 8.63 -4.27 22.38
O21 POV G . 9.70 -5.02 22.91
C22 POV G . 8.77 -3.59 21.03
O22 POV G . 7.61 -4.19 22.99
C23 POV G . 9.53 -4.43 20.02
C24 POV G . 9.70 -3.70 18.68
C25 POV G . 9.37 -4.60 17.49
C26 POV G . 10.53 -5.55 17.14
C27 POV G . 10.69 -5.71 15.64
C28 POV G . 9.42 -6.22 14.95
C29 POV G . 9.43 -5.92 13.45
P POV H . 5.62 -16.54 -3.00
C1 POV H . 3.69 -15.47 -1.57
C2 POV H . 3.27 -14.14 -0.94
C3 POV H . 2.73 -13.21 -2.02
O11 POV H . 5.02 -15.39 -1.96
O12 POV H . 6.92 -17.06 -2.48
O13 POV H . 5.83 -15.92 -4.36
O14 POV H . 4.62 -17.67 -3.11
C21 POV H . 4.41 -13.77 1.06
O21 POV H . 4.37 -13.54 -0.31
C22 POV H . 4.29 -12.58 2.02
O22 POV H . 4.54 -14.86 1.49
C23 POV H . 5.64 -12.06 2.50
C24 POV H . 5.49 -10.93 3.52
C25 POV H . 6.75 -10.08 3.63
C26 POV H . 6.61 -8.99 4.69
C27 POV H . 7.70 -7.93 4.58
C31 POV H . 1.58 -11.18 -2.29
O31 POV H . 2.28 -12.02 -1.42
C32 POV H . 0.73 -11.74 -3.42
O32 POV H . 1.65 -10.00 -2.14
C33 POV H . -0.62 -12.25 -2.94
C34 POV H . -1.75 -11.88 -3.89
C35 POV H . -1.76 -10.40 -4.23
C36 POV H . -3.14 -9.91 -4.67
C37 POV H . -4.25 -10.45 -3.78
C38 POV H . -5.34 -9.41 -3.52
C39 POV H . -6.39 -9.92 -2.53
P POV I . -1.51 -26.05 3.43
C1 POV I . -0.78 -24.04 4.91
C2 POV I . -0.68 -22.54 4.61
C3 POV I . 0.20 -22.32 3.38
C210 POV I . 6.24 -13.91 7.18
O11 POV I . -0.56 -24.74 3.73
O12 POV I . -2.08 -25.94 2.04
O13 POV I . -0.68 -27.32 3.52
O14 POV I . -2.63 -26.11 4.44
C21 POV I . 1.18 -21.68 5.83
O21 POV I . -0.20 -21.85 5.73
C22 POV I . 1.78 -20.27 5.79
O22 POV I . 1.90 -22.62 5.97
C23 POV I . 3.13 -20.18 6.50
C24 POV I . 3.24 -18.99 7.44
C25 POV I . 2.30 -17.84 7.07
C26 POV I . 2.95 -16.47 7.23
C27 POV I . 3.38 -15.90 5.89
C28 POV I . 4.16 -14.59 6.04
C29 POV I . 5.14 -14.64 7.21
C31 POV I . -0.92 -21.98 1.33
O31 POV I . -0.46 -21.41 2.53
C32 POV I . -2.23 -21.50 0.71
O32 POV I . -0.29 -22.83 0.80
C33 POV I . -2.10 -21.24 -0.79
C34 POV I . -1.58 -19.85 -1.09
C35 POV I . -0.37 -19.86 -2.01
C36 POV I . 0.83 -20.56 -1.38
#